data_5DPX
#
_entry.id   5DPX
#
_cell.length_a   105.040
_cell.length_b   105.040
_cell.length_c   196.990
_cell.angle_alpha   90.00
_cell.angle_beta   90.00
_cell.angle_gamma   120.00
#
_symmetry.space_group_name_H-M   'P 62 2 2'
#
loop_
_entity.id
_entity.type
_entity.pdbx_description
1 polymer 'Metallo-beta-lactamase L1 type 3'
2 non-polymer 'ZINC ION'
3 non-polymer 5-(2-methylphenyl)-3H-1,2,4-triazole-3-thione
4 non-polymer 'SULFATE ION'
5 water water
#
_entity_poly.entity_id   1
_entity_poly.type   'polypeptide(L)'
_entity_poly.pdbx_seq_one_letter_code
;AEVPLPQLRAYTVDASWLQPMAPLQIADHTWQIGTEDLTALLVQTPDGAVLLDGGMPQMASHLLDNMKARGVTPRDLRLI
LLSHAHADHAGPVAELKRRTGAKVAANAESAVLLARGGSDDLHFGDGITYPPANADRIVMDGEVITVGGIVFTAHFMAGH
TPGSTAWTWTDTRNGKPVRIAYADSLSAPGYQLQGNPRYPHLIEDYRRSFATVRALPCDVLLTPHPGASNWDYAAGARAG
AKALTCKAYADAAEQKFDGQLAKETAGAR
;
_entity_poly.pdbx_strand_id   A,B
#
# COMPACT_ATOMS: atom_id res chain seq x y z
N GLU A 2 13.51 20.83 -18.79
CA GLU A 2 13.81 19.41 -18.67
C GLU A 2 12.56 18.61 -18.34
N VAL A 3 12.73 17.30 -18.17
CA VAL A 3 11.62 16.37 -18.07
C VAL A 3 11.50 15.78 -16.66
N PRO A 4 10.38 16.03 -15.98
CA PRO A 4 10.23 15.44 -14.65
C PRO A 4 9.90 13.95 -14.72
N LEU A 5 10.10 13.25 -13.61
CA LEU A 5 9.64 11.87 -13.53
C LEU A 5 8.12 11.82 -13.76
N PRO A 6 7.61 10.70 -14.29
CA PRO A 6 6.17 10.54 -14.54
C PRO A 6 5.33 10.58 -13.27
N GLN A 7 4.09 11.04 -13.37
CA GLN A 7 3.20 10.99 -12.23
C GLN A 7 2.84 9.53 -11.95
N LEU A 8 2.52 9.22 -10.70
CA LEU A 8 1.95 7.91 -10.38
C LEU A 8 0.68 7.72 -11.21
N ARG A 9 0.46 6.49 -11.66
CA ARG A 9 -0.74 6.18 -12.43
C ARG A 9 -1.70 5.35 -11.59
N ALA A 10 -2.97 5.77 -11.56
CA ALA A 10 -3.97 5.06 -10.78
C ALA A 10 -4.37 3.75 -11.46
N TYR A 11 -4.72 2.76 -10.64
CA TYR A 11 -5.25 1.49 -11.14
C TYR A 11 -6.69 1.70 -11.58
N THR A 12 -6.86 1.99 -12.87
CA THR A 12 -8.20 2.23 -13.42
C THR A 12 -8.71 1.02 -14.17
N VAL A 13 -10.02 0.81 -14.12
CA VAL A 13 -10.63 -0.42 -14.64
C VAL A 13 -11.90 -0.10 -15.43
N ASP A 14 -12.39 -1.08 -16.20
CA ASP A 14 -13.67 -0.93 -16.89
C ASP A 14 -14.76 -0.49 -15.93
N ALA A 15 -15.61 0.43 -16.38
CA ALA A 15 -16.70 0.91 -15.56
C ALA A 15 -17.53 -0.23 -14.97
N SER A 16 -17.73 -1.30 -15.74
CA SER A 16 -18.61 -2.38 -15.27
C SER A 16 -18.05 -3.10 -14.05
N TRP A 17 -16.73 -3.06 -13.88
CA TRP A 17 -16.11 -3.59 -12.67
C TRP A 17 -16.54 -2.79 -11.44
N LEU A 18 -16.98 -1.56 -11.66
CA LEU A 18 -17.28 -0.66 -10.55
C LEU A 18 -18.76 -0.35 -10.46
N GLN A 19 -19.56 -1.10 -11.22
CA GLN A 19 -21.00 -0.84 -11.28
C GLN A 19 -21.77 -1.58 -10.19
N PRO A 20 -22.34 -0.84 -9.24
CA PRO A 20 -23.04 -1.51 -8.13
C PRO A 20 -24.25 -2.30 -8.61
N MET A 21 -24.53 -3.43 -7.95
CA MET A 21 -25.74 -4.21 -8.21
C MET A 21 -26.35 -4.61 -6.88
N ALA A 22 -27.65 -4.86 -6.86
CA ALA A 22 -28.32 -5.39 -5.67
C ALA A 22 -27.90 -6.83 -5.46
N PRO A 23 -28.12 -7.37 -4.25
CA PRO A 23 -27.75 -8.78 -4.04
C PRO A 23 -28.45 -9.72 -5.01
N LEU A 24 -27.69 -10.65 -5.58
CA LEU A 24 -28.23 -11.68 -6.46
C LEU A 24 -28.05 -13.04 -5.81
N GLN A 25 -29.15 -13.74 -5.56
CA GLN A 25 -29.05 -15.01 -4.86
C GLN A 25 -28.56 -16.14 -5.78
N ILE A 26 -27.59 -16.91 -5.29
CA ILE A 26 -27.00 -18.04 -6.00
C ILE A 26 -27.59 -19.36 -5.49
N ALA A 27 -27.70 -19.49 -4.18
CA ALA A 27 -28.33 -20.65 -3.55
C ALA A 27 -28.92 -20.21 -2.22
N ASP A 28 -29.42 -21.14 -1.42
CA ASP A 28 -30.19 -20.75 -0.24
C ASP A 28 -29.42 -19.81 0.69
N HIS A 29 -28.10 -20.02 0.84
CA HIS A 29 -27.33 -19.18 1.79
C HIS A 29 -26.31 -18.28 1.12
N THR A 30 -26.23 -18.32 -0.21
CA THR A 30 -25.13 -17.72 -0.94
C THR A 30 -25.60 -16.64 -1.91
N TRP A 31 -25.05 -15.43 -1.77
CA TRP A 31 -25.44 -14.28 -2.58
C TRP A 31 -24.25 -13.58 -3.23
N GLN A 32 -24.41 -13.12 -4.47
CA GLN A 32 -23.43 -12.21 -5.07
C GLN A 32 -23.82 -10.81 -4.64
N ILE A 33 -22.89 -10.08 -4.02
CA ILE A 33 -23.20 -8.74 -3.51
C ILE A 33 -22.19 -7.70 -3.97
N GLY A 34 -21.37 -8.04 -4.96
CA GLY A 34 -20.37 -7.13 -5.48
C GLY A 34 -20.88 -6.23 -6.59
N THR A 35 -20.10 -6.08 -7.66
CA THR A 35 -20.50 -5.25 -8.80
C THR A 35 -20.88 -6.13 -9.97
N GLU A 36 -21.25 -5.52 -11.09
N GLU A 36 -21.27 -5.51 -11.08
CA GLU A 36 -21.68 -6.30 -12.24
CA GLU A 36 -21.67 -6.26 -12.26
C GLU A 36 -20.57 -7.20 -12.79
C GLU A 36 -20.56 -7.24 -12.69
N ASP A 37 -19.32 -6.76 -12.68
CA ASP A 37 -18.20 -7.54 -13.23
C ASP A 37 -17.11 -7.91 -12.23
N LEU A 38 -17.39 -7.78 -10.93
CA LEU A 38 -16.49 -8.33 -9.92
C LEU A 38 -17.28 -9.07 -8.85
N THR A 39 -16.89 -10.31 -8.63
CA THR A 39 -17.57 -11.17 -7.65
C THR A 39 -17.20 -10.84 -6.22
N ALA A 40 -18.20 -10.81 -5.35
CA ALA A 40 -18.01 -10.75 -3.90
C ALA A 40 -19.16 -11.54 -3.30
N LEU A 41 -18.84 -12.69 -2.73
CA LEU A 41 -19.86 -13.64 -2.31
C LEU A 41 -20.13 -13.55 -0.82
N LEU A 42 -21.40 -13.39 -0.47
CA LEU A 42 -21.84 -13.37 0.91
C LEU A 42 -22.48 -14.73 1.22
N VAL A 43 -22.00 -15.40 2.26
CA VAL A 43 -22.62 -16.65 2.70
C VAL A 43 -23.22 -16.37 4.08
N GLN A 44 -24.55 -16.46 4.16
CA GLN A 44 -25.30 -16.13 5.38
C GLN A 44 -25.70 -17.37 6.14
N THR A 45 -25.31 -17.45 7.42
CA THR A 45 -25.65 -18.62 8.23
C THR A 45 -26.28 -18.19 9.55
N PRO A 46 -26.91 -19.14 10.25
CA PRO A 46 -27.50 -18.85 11.55
C PRO A 46 -26.45 -18.44 12.56
N ASP A 47 -25.19 -18.64 12.21
CA ASP A 47 -24.10 -18.39 13.14
C ASP A 47 -23.12 -17.33 12.59
N GLY A 48 -23.64 -16.41 11.78
CA GLY A 48 -22.84 -15.33 11.25
C GLY A 48 -22.61 -15.45 9.75
N ALA A 49 -21.93 -14.46 9.17
CA ALA A 49 -21.73 -14.42 7.72
C ALA A 49 -20.25 -14.50 7.32
N VAL A 50 -20.04 -14.97 6.09
CA VAL A 50 -18.73 -15.09 5.48
C VAL A 50 -18.72 -14.27 4.20
N LEU A 51 -17.61 -13.56 3.94
CA LEU A 51 -17.43 -12.86 2.66
C LEU A 51 -16.27 -13.49 1.89
N LEU A 52 -16.50 -13.91 0.65
CA LEU A 52 -15.40 -14.39 -0.19
C LEU A 52 -15.12 -13.32 -1.24
N ASP A 53 -13.97 -12.65 -1.09
CA ASP A 53 -13.54 -11.54 -1.95
C ASP A 53 -14.33 -10.26 -1.69
N GLY A 54 -13.70 -9.13 -1.98
CA GLY A 54 -14.35 -7.85 -1.80
C GLY A 54 -14.32 -6.98 -3.04
N GLY A 55 -13.52 -7.38 -4.03
CA GLY A 55 -13.43 -6.59 -5.24
C GLY A 55 -12.40 -5.48 -5.15
N MET A 56 -12.72 -4.33 -5.71
CA MET A 56 -11.81 -3.18 -5.75
C MET A 56 -11.77 -2.42 -4.42
N PRO A 57 -10.70 -1.64 -4.19
CA PRO A 57 -10.57 -0.94 -2.91
C PRO A 57 -11.77 -0.04 -2.58
N GLN A 58 -12.36 0.59 -3.60
CA GLN A 58 -13.41 1.55 -3.31
C GLN A 58 -14.81 0.90 -3.16
N MET A 59 -14.88 -0.43 -3.08
CA MET A 59 -16.16 -1.11 -2.94
C MET A 59 -16.60 -1.37 -1.49
N ALA A 60 -15.81 -0.97 -0.50
CA ALA A 60 -16.13 -1.33 0.89
C ALA A 60 -17.56 -0.92 1.30
N SER A 61 -17.91 0.34 1.08
CA SER A 61 -19.21 0.84 1.55
C SER A 61 -20.37 0.18 0.79
N HIS A 62 -20.19 -0.05 -0.51
CA HIS A 62 -21.21 -0.76 -1.28
C HIS A 62 -21.44 -2.17 -0.69
N LEU A 63 -20.37 -2.87 -0.38
CA LEU A 63 -20.50 -4.22 0.18
C LEU A 63 -21.27 -4.18 1.50
N LEU A 64 -20.94 -3.21 2.34
CA LEU A 64 -21.59 -3.04 3.64
C LEU A 64 -23.08 -2.70 3.51
N ASP A 65 -23.44 -1.93 2.49
CA ASP A 65 -24.85 -1.63 2.23
C ASP A 65 -25.61 -2.88 1.80
N ASN A 66 -24.99 -3.70 0.95
CA ASN A 66 -25.65 -4.92 0.49
C ASN A 66 -25.78 -5.91 1.63
N MET A 67 -24.78 -5.96 2.51
CA MET A 67 -24.88 -6.82 3.70
C MET A 67 -26.07 -6.39 4.55
N LYS A 68 -26.15 -5.11 4.84
CA LYS A 68 -27.27 -4.55 5.59
C LYS A 68 -28.60 -4.91 4.92
N ALA A 69 -28.70 -4.72 3.62
CA ALA A 69 -29.91 -5.10 2.89
C ALA A 69 -30.24 -6.58 3.11
N ARG A 70 -29.21 -7.40 3.29
CA ARG A 70 -29.42 -8.83 3.49
C ARG A 70 -29.69 -9.17 4.96
N GLY A 71 -29.57 -8.19 5.84
CA GLY A 71 -29.75 -8.43 7.27
C GLY A 71 -28.46 -8.67 8.04
N VAL A 72 -27.32 -8.53 7.35
CA VAL A 72 -26.02 -8.76 7.96
C VAL A 72 -25.45 -7.44 8.44
N THR A 73 -25.27 -7.31 9.75
CA THR A 73 -24.66 -6.11 10.31
C THR A 73 -23.14 -6.31 10.36
N PRO A 74 -22.39 -5.21 10.55
CA PRO A 74 -20.93 -5.29 10.69
C PRO A 74 -20.47 -6.32 11.72
N ARG A 75 -21.22 -6.47 12.80
CA ARG A 75 -20.84 -7.41 13.84
C ARG A 75 -21.09 -8.85 13.40
N ASP A 76 -21.99 -9.03 12.43
CA ASP A 76 -22.36 -10.36 11.98
C ASP A 76 -21.33 -10.97 11.03
N LEU A 77 -20.50 -10.12 10.43
CA LEU A 77 -19.50 -10.64 9.49
C LEU A 77 -18.29 -11.21 10.26
N ARG A 78 -18.17 -12.53 10.21
CA ARG A 78 -17.17 -13.23 11.00
C ARG A 78 -15.85 -13.47 10.26
N LEU A 79 -15.94 -13.65 8.95
CA LEU A 79 -14.82 -14.19 8.21
C LEU A 79 -14.71 -13.62 6.79
N ILE A 80 -13.49 -13.32 6.37
CA ILE A 80 -13.21 -12.99 4.97
C ILE A 80 -12.27 -14.04 4.40
N LEU A 81 -12.66 -14.64 3.27
CA LEU A 81 -11.80 -15.55 2.51
C LEU A 81 -11.44 -14.89 1.17
N LEU A 82 -10.32 -15.29 0.57
CA LEU A 82 -9.90 -14.68 -0.70
C LEU A 82 -9.57 -15.68 -1.80
N SER A 83 -9.89 -15.30 -3.04
CA SER A 83 -9.44 -16.04 -4.20
C SER A 83 -7.94 -15.81 -4.37
N HIS A 84 -7.56 -14.56 -4.63
CA HIS A 84 -6.15 -14.20 -4.54
C HIS A 84 -5.99 -12.74 -4.14
N ALA A 85 -4.80 -12.38 -3.67
CA ALA A 85 -4.62 -11.10 -3.00
C ALA A 85 -4.11 -10.01 -3.94
N HIS A 86 -4.83 -9.80 -5.03
CA HIS A 86 -4.56 -8.65 -5.90
C HIS A 86 -5.57 -7.53 -5.64
N ALA A 87 -5.24 -6.31 -6.05
CA ALA A 87 -6.08 -5.14 -5.80
C ALA A 87 -7.53 -5.28 -6.26
N ASP A 88 -7.78 -6.03 -7.34
CA ASP A 88 -9.14 -6.12 -7.86
C ASP A 88 -10.01 -7.21 -7.17
N HIS A 89 -9.47 -7.88 -6.15
CA HIS A 89 -10.28 -8.86 -5.39
C HIS A 89 -10.13 -8.70 -3.89
N ALA A 90 -8.97 -8.23 -3.45
CA ALA A 90 -8.71 -8.00 -2.03
C ALA A 90 -8.69 -6.51 -1.70
N GLY A 91 -8.94 -5.67 -2.69
CA GLY A 91 -8.90 -4.23 -2.53
C GLY A 91 -9.38 -3.67 -1.19
N PRO A 92 -10.61 -4.01 -0.78
CA PRO A 92 -11.20 -3.33 0.36
C PRO A 92 -11.03 -4.07 1.68
N VAL A 93 -10.24 -5.14 1.70
CA VAL A 93 -10.17 -6.00 2.88
C VAL A 93 -9.72 -5.24 4.14
N ALA A 94 -8.68 -4.41 4.02
CA ALA A 94 -8.21 -3.66 5.19
C ALA A 94 -9.34 -2.81 5.77
N GLU A 95 -10.04 -2.10 4.90
CA GLU A 95 -11.13 -1.22 5.34
C GLU A 95 -12.27 -2.03 5.98
N LEU A 96 -12.63 -3.16 5.36
CA LEU A 96 -13.68 -4.00 5.93
C LEU A 96 -13.29 -4.49 7.33
N LYS A 97 -12.01 -4.85 7.52
CA LYS A 97 -11.59 -5.31 8.84
C LYS A 97 -11.78 -4.21 9.88
N ARG A 98 -11.47 -2.96 9.50
CA ARG A 98 -11.64 -1.85 10.42
C ARG A 98 -13.11 -1.59 10.77
N ARG A 99 -14.00 -1.84 9.83
CA ARG A 99 -15.39 -1.41 9.96
C ARG A 99 -16.34 -2.53 10.37
N THR A 100 -15.83 -3.74 10.51
CA THR A 100 -16.68 -4.88 10.85
C THR A 100 -15.98 -5.79 11.85
N GLY A 101 -16.65 -6.88 12.22
CA GLY A 101 -16.03 -7.85 13.10
C GLY A 101 -15.20 -8.89 12.36
N ALA A 102 -15.02 -8.70 11.06
CA ALA A 102 -14.46 -9.77 10.23
C ALA A 102 -12.98 -10.03 10.48
N LYS A 103 -12.63 -11.31 10.53
CA LYS A 103 -11.24 -11.72 10.52
C LYS A 103 -10.91 -12.43 9.20
N VAL A 104 -9.64 -12.39 8.81
CA VAL A 104 -9.20 -12.93 7.53
C VAL A 104 -8.53 -14.29 7.72
N ALA A 105 -8.95 -15.28 6.94
CA ALA A 105 -8.22 -16.53 6.90
C ALA A 105 -7.62 -16.66 5.51
N ALA A 106 -6.34 -16.99 5.41
CA ALA A 106 -5.73 -17.13 4.11
C ALA A 106 -4.51 -18.04 4.19
N ASN A 107 -4.05 -18.54 3.05
CA ASN A 107 -2.81 -19.33 3.07
C ASN A 107 -1.60 -18.40 3.20
N ALA A 108 -0.43 -18.97 3.49
CA ALA A 108 0.76 -18.18 3.76
C ALA A 108 1.11 -17.24 2.61
N GLU A 109 1.04 -17.76 1.38
CA GLU A 109 1.39 -16.95 0.21
C GLU A 109 0.44 -15.75 0.07
N SER A 110 -0.85 -16.00 0.21
CA SER A 110 -1.83 -14.91 0.12
C SER A 110 -1.68 -13.94 1.29
N ALA A 111 -1.44 -14.46 2.48
CA ALA A 111 -1.23 -13.60 3.65
C ALA A 111 -0.05 -12.64 3.45
N VAL A 112 1.05 -13.16 2.89
CA VAL A 112 2.25 -12.34 2.75
C VAL A 112 2.03 -11.24 1.71
N LEU A 113 1.33 -11.58 0.62
CA LEU A 113 1.07 -10.59 -0.42
C LEU A 113 0.04 -9.55 0.06
N LEU A 114 -0.97 -10.02 0.79
CA LEU A 114 -1.95 -9.13 1.40
C LEU A 114 -1.28 -8.16 2.39
N ALA A 115 -0.36 -8.68 3.19
CA ALA A 115 0.34 -7.85 4.17
C ALA A 115 1.21 -6.82 3.49
N ARG A 116 1.58 -7.05 2.22
CA ARG A 116 2.33 -6.07 1.42
C ARG A 116 1.43 -5.14 0.62
N GLY A 117 0.11 -5.32 0.72
CA GLY A 117 -0.81 -4.52 -0.08
C GLY A 117 -0.55 -4.70 -1.58
N GLY A 118 -0.09 -5.88 -1.95
CA GLY A 118 0.13 -6.19 -3.35
C GLY A 118 1.43 -5.64 -3.94
N SER A 119 2.26 -5.00 -3.11
CA SER A 119 3.53 -4.47 -3.62
C SER A 119 4.53 -5.60 -3.86
N ASP A 120 5.60 -5.32 -4.61
CA ASP A 120 6.59 -6.36 -4.93
C ASP A 120 5.89 -7.60 -5.50
N ASP A 121 4.91 -7.36 -6.37
CA ASP A 121 4.24 -8.46 -7.06
C ASP A 121 5.27 -9.21 -7.92
N LEU A 122 5.08 -10.52 -8.08
CA LEU A 122 6.06 -11.30 -8.81
C LEU A 122 6.21 -10.78 -10.22
N HIS A 123 5.09 -10.32 -10.80
CA HIS A 123 5.06 -9.95 -12.20
C HIS A 123 4.91 -8.46 -12.44
N PHE A 124 4.22 -7.76 -11.54
CA PHE A 124 3.96 -6.34 -11.78
C PHE A 124 4.63 -5.39 -10.80
N GLY A 125 5.53 -5.92 -9.98
CA GLY A 125 6.24 -5.11 -9.00
C GLY A 125 5.32 -4.27 -8.12
N ASP A 126 5.59 -2.96 -8.04
CA ASP A 126 4.78 -2.04 -7.23
C ASP A 126 3.76 -1.33 -8.09
N GLY A 127 3.49 -1.90 -9.28
CA GLY A 127 2.60 -1.29 -10.25
C GLY A 127 1.14 -1.15 -9.87
N ILE A 128 0.59 -2.17 -9.21
CA ILE A 128 -0.80 -2.13 -8.75
C ILE A 128 -0.86 -2.54 -7.28
N THR A 129 -1.10 -1.58 -6.40
CA THR A 129 -1.06 -1.83 -4.96
C THR A 129 -2.38 -1.41 -4.30
N TYR A 130 -2.60 -1.85 -3.07
CA TYR A 130 -3.82 -1.50 -2.35
C TYR A 130 -3.51 -1.48 -0.86
N PRO A 131 -4.46 -1.04 -0.02
CA PRO A 131 -4.15 -0.99 1.42
C PRO A 131 -3.83 -2.36 2.02
N PRO A 132 -2.69 -2.46 2.74
CA PRO A 132 -2.25 -3.73 3.34
C PRO A 132 -3.20 -4.21 4.42
N ALA A 133 -3.32 -5.53 4.59
CA ALA A 133 -4.09 -6.11 5.67
C ALA A 133 -3.40 -7.35 6.20
N ASN A 134 -3.67 -7.67 7.46
CA ASN A 134 -3.10 -8.85 8.12
C ASN A 134 -4.09 -9.99 8.16
N ALA A 135 -3.61 -11.21 8.01
CA ALA A 135 -4.43 -12.41 8.18
C ALA A 135 -4.48 -12.79 9.65
N ASP A 136 -5.63 -13.27 10.09
CA ASP A 136 -5.81 -13.71 11.48
C ASP A 136 -5.63 -15.20 11.64
N ARG A 137 -5.77 -15.91 10.53
CA ARG A 137 -5.62 -17.36 10.54
C ARG A 137 -4.94 -17.81 9.24
N ILE A 138 -3.96 -18.69 9.37
CA ILE A 138 -3.26 -19.22 8.21
C ILE A 138 -3.83 -20.62 7.92
N VAL A 139 -4.21 -20.87 6.66
CA VAL A 139 -4.77 -22.19 6.32
C VAL A 139 -3.85 -22.98 5.40
N MET A 140 -3.95 -24.30 5.51
CA MET A 140 -3.16 -25.23 4.70
C MET A 140 -4.04 -25.84 3.62
N ASP A 141 -3.41 -26.40 2.60
CA ASP A 141 -4.14 -26.98 1.49
C ASP A 141 -5.08 -28.06 2.01
N GLY A 142 -6.34 -28.01 1.58
CA GLY A 142 -7.32 -29.00 1.99
C GLY A 142 -7.91 -28.75 3.36
N GLU A 143 -7.49 -27.68 4.02
CA GLU A 143 -8.01 -27.39 5.36
C GLU A 143 -9.44 -26.86 5.26
N VAL A 144 -10.27 -27.23 6.22
CA VAL A 144 -11.65 -26.76 6.21
C VAL A 144 -11.88 -25.67 7.26
N ILE A 145 -12.76 -24.74 6.94
CA ILE A 145 -13.24 -23.77 7.92
C ILE A 145 -14.75 -23.87 7.94
N THR A 146 -15.34 -23.98 9.13
CA THR A 146 -16.79 -24.12 9.22
C THR A 146 -17.41 -22.93 9.92
N VAL A 147 -18.42 -22.34 9.28
CA VAL A 147 -19.19 -21.24 9.85
C VAL A 147 -20.66 -21.60 9.73
N GLY A 148 -21.36 -21.65 10.86
CA GLY A 148 -22.77 -21.97 10.89
C GLY A 148 -23.17 -23.17 10.05
N GLY A 149 -22.33 -24.21 10.07
CA GLY A 149 -22.65 -25.41 9.34
C GLY A 149 -22.27 -25.44 7.87
N ILE A 150 -21.84 -24.31 7.34
CA ILE A 150 -21.32 -24.29 5.98
C ILE A 150 -19.82 -24.58 6.07
N VAL A 151 -19.39 -25.59 5.32
CA VAL A 151 -18.02 -26.07 5.40
C VAL A 151 -17.26 -25.63 4.16
N PHE A 152 -16.28 -24.76 4.37
CA PHE A 152 -15.44 -24.28 3.28
C PHE A 152 -14.12 -25.06 3.23
N THR A 153 -13.81 -25.64 2.08
CA THR A 153 -12.56 -26.37 1.91
C THR A 153 -11.64 -25.57 0.99
N ALA A 154 -10.38 -25.43 1.37
CA ALA A 154 -9.39 -24.74 0.54
C ALA A 154 -8.71 -25.72 -0.40
N HIS A 155 -8.66 -25.34 -1.69
CA HIS A 155 -7.93 -26.11 -2.70
C HIS A 155 -6.90 -25.18 -3.31
N PHE A 156 -5.63 -25.34 -2.97
CA PHE A 156 -4.62 -24.46 -3.56
C PHE A 156 -4.59 -24.68 -5.07
N MET A 157 -4.51 -23.59 -5.82
CA MET A 157 -4.36 -23.65 -7.26
C MET A 157 -3.38 -22.58 -7.72
N ALA A 158 -2.14 -22.71 -7.25
CA ALA A 158 -1.08 -21.74 -7.52
C ALA A 158 -0.86 -21.47 -9.00
N GLY A 159 -0.61 -20.21 -9.33
CA GLY A 159 -0.26 -19.85 -10.69
C GLY A 159 -0.48 -18.38 -10.96
N HIS A 160 -1.74 -17.98 -11.04
CA HIS A 160 -2.04 -16.57 -11.21
C HIS A 160 -1.37 -15.76 -10.08
N THR A 161 -1.47 -16.26 -8.86
CA THR A 161 -0.58 -15.87 -7.76
C THR A 161 -0.08 -17.15 -7.11
N PRO A 162 1.07 -17.08 -6.42
CA PRO A 162 1.50 -18.24 -5.63
C PRO A 162 0.40 -18.77 -4.70
N GLY A 163 -0.40 -17.85 -4.13
CA GLY A 163 -1.39 -18.21 -3.14
C GLY A 163 -2.82 -18.40 -3.62
N SER A 164 -3.00 -18.42 -4.94
CA SER A 164 -4.35 -18.57 -5.53
C SER A 164 -5.06 -19.81 -4.97
N THR A 165 -6.33 -19.64 -4.61
CA THR A 165 -7.08 -20.71 -3.94
C THR A 165 -8.47 -20.89 -4.56
N ALA A 166 -8.94 -22.13 -4.68
CA ALA A 166 -10.36 -22.37 -4.95
C ALA A 166 -11.03 -22.73 -3.64
N TRP A 167 -12.17 -22.11 -3.36
CA TRP A 167 -12.94 -22.46 -2.17
C TRP A 167 -14.18 -23.24 -2.57
N THR A 168 -14.41 -24.40 -1.96
CA THR A 168 -15.63 -25.15 -2.24
C THR A 168 -16.51 -25.31 -0.98
N TRP A 169 -17.83 -25.32 -1.19
CA TRP A 169 -18.74 -25.63 -0.09
C TRP A 169 -20.06 -26.14 -0.63
N THR A 170 -20.87 -26.70 0.27
CA THR A 170 -22.17 -27.24 -0.13
C THR A 170 -23.31 -26.41 0.44
N ASP A 171 -24.14 -25.89 -0.45
CA ASP A 171 -25.31 -25.13 -0.07
C ASP A 171 -26.51 -25.97 -0.49
N THR A 172 -27.70 -25.39 -0.42
CA THR A 172 -28.89 -26.08 -0.89
C THR A 172 -29.68 -25.20 -1.83
N ARG A 173 -30.52 -25.84 -2.65
CA ARG A 173 -31.47 -25.15 -3.47
C ARG A 173 -32.61 -26.12 -3.75
N ASN A 174 -33.84 -25.69 -3.51
CA ASN A 174 -34.98 -26.57 -3.71
C ASN A 174 -34.84 -27.86 -2.90
N GLY A 175 -34.26 -27.74 -1.71
CA GLY A 175 -34.09 -28.87 -0.83
C GLY A 175 -33.03 -29.87 -1.22
N LYS A 176 -32.33 -29.61 -2.33
CA LYS A 176 -31.25 -30.49 -2.77
C LYS A 176 -29.88 -29.83 -2.61
N PRO A 177 -28.84 -30.63 -2.37
CA PRO A 177 -27.50 -30.06 -2.20
C PRO A 177 -26.96 -29.44 -3.48
N VAL A 178 -26.27 -28.31 -3.33
CA VAL A 178 -25.58 -27.67 -4.44
C VAL A 178 -24.13 -27.51 -4.04
N ARG A 179 -23.24 -28.24 -4.72
CA ARG A 179 -21.82 -28.14 -4.48
C ARG A 179 -21.26 -26.96 -5.26
N ILE A 180 -20.96 -25.87 -4.55
CA ILE A 180 -20.46 -24.66 -5.16
C ILE A 180 -18.94 -24.64 -5.17
N ALA A 181 -18.35 -24.28 -6.31
CA ALA A 181 -16.91 -24.12 -6.40
C ALA A 181 -16.59 -22.70 -6.83
N TYR A 182 -15.86 -21.98 -5.98
CA TYR A 182 -15.43 -20.62 -6.31
C TYR A 182 -13.96 -20.71 -6.70
N ALA A 183 -13.71 -20.83 -8.01
CA ALA A 183 -12.37 -21.11 -8.52
C ALA A 183 -11.66 -19.83 -8.91
N ASP A 184 -10.41 -19.67 -8.47
CA ASP A 184 -9.66 -18.45 -8.79
C ASP A 184 -9.33 -18.33 -10.28
N SER A 185 -8.85 -17.15 -10.67
N SER A 185 -8.86 -17.15 -10.68
CA SER A 185 -8.42 -16.90 -12.04
CA SER A 185 -8.43 -16.90 -12.05
C SER A 185 -7.29 -17.83 -12.44
C SER A 185 -7.30 -17.85 -12.44
N LEU A 186 -7.31 -18.28 -13.70
CA LEU A 186 -6.25 -19.09 -14.26
C LEU A 186 -5.54 -18.31 -15.37
N SER A 187 -5.67 -16.99 -15.32
CA SER A 187 -5.05 -16.15 -16.34
C SER A 187 -3.61 -15.85 -15.99
N ALA A 188 -2.86 -15.37 -16.98
CA ALA A 188 -1.48 -14.94 -16.76
C ALA A 188 -1.21 -13.63 -17.50
N PRO A 189 -1.95 -12.57 -17.14
CA PRO A 189 -1.97 -11.34 -17.95
C PRO A 189 -0.63 -10.62 -18.02
N GLY A 190 0.02 -10.70 -19.17
CA GLY A 190 1.31 -10.04 -19.35
C GLY A 190 2.46 -10.72 -18.63
N TYR A 191 2.23 -11.93 -18.11
CA TYR A 191 3.29 -12.65 -17.39
C TYR A 191 4.36 -13.21 -18.30
N GLN A 192 5.61 -13.15 -17.85
CA GLN A 192 6.63 -14.02 -18.43
C GLN A 192 6.44 -15.42 -17.83
N LEU A 193 6.12 -16.40 -18.66
CA LEU A 193 5.82 -17.75 -18.21
C LEU A 193 7.06 -18.65 -18.08
N GLN A 194 7.93 -18.60 -19.08
CA GLN A 194 9.07 -19.51 -19.15
C GLN A 194 10.35 -18.90 -18.58
N GLY A 195 11.07 -19.68 -17.79
CA GLY A 195 12.35 -19.22 -17.25
C GLY A 195 12.23 -17.95 -16.43
N ASN A 196 11.14 -17.82 -15.68
CA ASN A 196 10.92 -16.65 -14.86
C ASN A 196 11.67 -16.80 -13.52
N PRO A 197 12.67 -15.95 -13.26
CA PRO A 197 13.49 -16.18 -12.07
C PRO A 197 12.74 -15.99 -10.76
N ARG A 198 11.68 -15.19 -10.76
CA ARG A 198 10.85 -14.97 -9.58
C ARG A 198 9.84 -16.09 -9.38
N TYR A 199 9.65 -16.94 -10.40
CA TYR A 199 8.72 -18.06 -10.30
C TYR A 199 9.17 -19.22 -11.20
N PRO A 200 10.26 -19.90 -10.81
CA PRO A 200 10.87 -20.91 -11.68
C PRO A 200 9.92 -22.04 -12.08
N HIS A 201 9.02 -22.49 -11.20
CA HIS A 201 8.12 -23.59 -11.56
C HIS A 201 6.72 -23.13 -11.95
N LEU A 202 6.62 -21.94 -12.51
CA LEU A 202 5.33 -21.35 -12.82
C LEU A 202 4.50 -22.28 -13.72
N ILE A 203 5.10 -22.83 -14.77
CA ILE A 203 4.32 -23.62 -15.73
C ILE A 203 3.81 -24.88 -15.06
N GLU A 204 4.66 -25.53 -14.27
CA GLU A 204 4.27 -26.77 -13.62
C GLU A 204 3.13 -26.51 -12.64
N ASP A 205 3.16 -25.37 -11.97
CA ASP A 205 2.08 -25.00 -11.05
C ASP A 205 0.77 -24.74 -11.80
N TYR A 206 0.81 -24.01 -12.90
CA TYR A 206 -0.41 -23.82 -13.68
C TYR A 206 -0.99 -25.17 -14.09
N ARG A 207 -0.15 -26.07 -14.60
CA ARG A 207 -0.64 -27.36 -15.08
C ARG A 207 -1.30 -28.16 -13.96
N ARG A 208 -0.68 -28.19 -12.78
CA ARG A 208 -1.30 -28.86 -11.64
C ARG A 208 -2.61 -28.17 -11.27
N SER A 209 -2.64 -26.85 -11.40
CA SER A 209 -3.84 -26.10 -11.04
C SER A 209 -4.98 -26.37 -12.04
N PHE A 210 -4.67 -26.52 -13.32
CA PHE A 210 -5.72 -26.92 -14.28
C PHE A 210 -6.36 -28.24 -13.81
N ALA A 211 -5.52 -29.20 -13.41
CA ALA A 211 -6.00 -30.51 -12.98
C ALA A 211 -6.87 -30.40 -11.73
N THR A 212 -6.42 -29.56 -10.80
CA THR A 212 -7.14 -29.38 -9.55
C THR A 212 -8.52 -28.80 -9.83
N VAL A 213 -8.56 -27.75 -10.65
CA VAL A 213 -9.84 -27.11 -10.93
C VAL A 213 -10.78 -28.10 -11.64
N ARG A 214 -10.22 -28.88 -12.55
CA ARG A 214 -11.00 -29.85 -13.32
C ARG A 214 -11.70 -30.84 -12.41
N ALA A 215 -11.09 -31.15 -11.27
CA ALA A 215 -11.59 -32.22 -10.40
C ALA A 215 -12.41 -31.73 -9.22
N LEU A 216 -12.61 -30.42 -9.08
CA LEU A 216 -13.36 -29.89 -7.92
C LEU A 216 -14.78 -30.42 -7.84
N PRO A 217 -15.33 -30.59 -6.61
CA PRO A 217 -16.76 -30.85 -6.52
C PRO A 217 -17.49 -29.61 -7.03
N CYS A 218 -18.35 -29.72 -8.04
CA CYS A 218 -18.68 -28.54 -8.81
C CYS A 218 -20.03 -28.59 -9.52
N ASP A 219 -21.13 -28.61 -8.76
CA ASP A 219 -22.46 -28.44 -9.35
C ASP A 219 -22.58 -27.06 -9.97
N VAL A 220 -22.00 -26.06 -9.30
CA VAL A 220 -22.03 -24.67 -9.80
C VAL A 220 -20.65 -24.05 -9.66
N LEU A 221 -20.12 -23.57 -10.78
CA LEU A 221 -18.85 -22.84 -10.79
C LEU A 221 -19.09 -21.35 -10.70
N LEU A 222 -18.32 -20.67 -9.84
CA LEU A 222 -18.31 -19.21 -9.76
C LEU A 222 -16.85 -18.76 -9.88
N THR A 223 -16.61 -17.58 -10.45
CA THR A 223 -15.23 -17.07 -10.60
C THR A 223 -15.14 -15.59 -10.23
N PRO A 224 -13.95 -15.14 -9.79
CA PRO A 224 -13.80 -13.75 -9.34
C PRO A 224 -14.23 -12.76 -10.42
N HIS A 225 -13.84 -13.04 -11.66
CA HIS A 225 -14.40 -12.36 -12.82
C HIS A 225 -15.50 -13.25 -13.40
N PRO A 226 -16.78 -12.82 -13.28
CA PRO A 226 -17.88 -13.70 -13.70
C PRO A 226 -17.77 -14.15 -15.15
N GLY A 227 -17.27 -13.29 -16.02
CA GLY A 227 -17.17 -13.61 -17.43
C GLY A 227 -16.31 -14.83 -17.70
N ALA A 228 -15.34 -15.07 -16.82
CA ALA A 228 -14.46 -16.22 -16.96
C ALA A 228 -15.23 -17.55 -16.93
N SER A 229 -16.35 -17.58 -16.21
CA SER A 229 -17.15 -18.80 -16.12
C SER A 229 -18.48 -18.65 -16.82
N ASN A 230 -18.59 -17.60 -17.63
CA ASN A 230 -19.80 -17.32 -18.41
C ASN A 230 -20.99 -16.91 -17.56
N TRP A 231 -20.74 -16.35 -16.38
CA TRP A 231 -21.81 -15.73 -15.62
C TRP A 231 -22.12 -14.35 -16.18
N ASP A 232 -23.37 -13.93 -16.06
CA ASP A 232 -23.77 -12.57 -16.40
C ASP A 232 -24.63 -12.02 -15.26
N TYR A 233 -24.00 -11.32 -14.33
CA TYR A 233 -24.70 -10.92 -13.12
C TYR A 233 -25.83 -9.93 -13.41
N ALA A 234 -25.82 -9.35 -14.61
CA ALA A 234 -26.86 -8.39 -14.97
C ALA A 234 -28.07 -9.06 -15.64
N ALA A 235 -28.03 -10.38 -15.80
CA ALA A 235 -29.06 -11.10 -16.54
C ALA A 235 -30.18 -11.67 -15.67
N GLY A 236 -30.28 -11.22 -14.43
CA GLY A 236 -31.37 -11.64 -13.56
C GLY A 236 -31.52 -13.14 -13.41
N ALA A 237 -32.71 -13.66 -13.71
CA ALA A 237 -33.04 -15.06 -13.44
C ALA A 237 -32.27 -16.01 -14.37
N ARG A 238 -31.58 -15.45 -15.36
CA ARG A 238 -30.73 -16.27 -16.22
C ARG A 238 -29.24 -15.91 -16.02
N ALA A 239 -28.92 -15.23 -14.93
CA ALA A 239 -27.53 -14.87 -14.66
C ALA A 239 -26.57 -16.07 -14.78
N GLY A 240 -26.96 -17.20 -14.21
CA GLY A 240 -26.06 -18.34 -14.16
C GLY A 240 -26.35 -19.41 -15.20
N ALA A 241 -27.25 -19.12 -16.13
CA ALA A 241 -27.72 -20.15 -17.04
C ALA A 241 -26.60 -20.69 -17.91
N LYS A 242 -25.74 -19.81 -18.42
CA LYS A 242 -24.68 -20.21 -19.36
C LYS A 242 -23.37 -20.60 -18.68
N ALA A 243 -23.39 -20.70 -17.35
CA ALA A 243 -22.16 -20.91 -16.61
C ALA A 243 -21.45 -22.18 -17.08
N LEU A 244 -20.12 -22.09 -17.20
CA LEU A 244 -19.29 -23.25 -17.50
C LEU A 244 -19.25 -24.25 -16.34
N THR A 245 -18.96 -25.50 -16.65
CA THR A 245 -18.52 -26.47 -15.66
C THR A 245 -17.09 -26.14 -15.25
N CYS A 246 -16.65 -26.68 -14.11
CA CYS A 246 -15.24 -26.57 -13.74
C CYS A 246 -14.36 -27.23 -14.78
N LYS A 247 -14.84 -28.33 -15.35
CA LYS A 247 -14.07 -29.07 -16.36
C LYS A 247 -13.82 -28.18 -17.56
N ALA A 248 -14.86 -27.48 -17.99
CA ALA A 248 -14.81 -26.65 -19.17
C ALA A 248 -13.98 -25.39 -18.91
N TYR A 249 -14.09 -24.85 -17.70
CA TYR A 249 -13.31 -23.68 -17.33
C TYR A 249 -11.81 -24.03 -17.35
N ALA A 250 -11.48 -25.17 -16.78
CA ALA A 250 -10.09 -25.61 -16.73
C ALA A 250 -9.55 -25.89 -18.12
N ASP A 251 -10.37 -26.49 -18.97
CA ASP A 251 -9.90 -26.81 -20.31
C ASP A 251 -9.69 -25.52 -21.12
N ALA A 252 -10.60 -24.57 -20.99
CA ALA A 252 -10.46 -23.31 -21.72
C ALA A 252 -9.22 -22.55 -21.27
N ALA A 253 -8.98 -22.53 -19.95
CA ALA A 253 -7.83 -21.84 -19.39
C ALA A 253 -6.54 -22.48 -19.86
N GLU A 254 -6.49 -23.81 -19.88
CA GLU A 254 -5.28 -24.47 -20.34
C GLU A 254 -5.04 -24.21 -21.83
N GLN A 255 -6.10 -24.21 -22.63
CA GLN A 255 -5.93 -23.93 -24.05
C GLN A 255 -5.40 -22.53 -24.25
N LYS A 256 -5.93 -21.57 -23.50
CA LYS A 256 -5.45 -20.20 -23.57
C LYS A 256 -3.98 -20.15 -23.15
N PHE A 257 -3.67 -20.85 -22.07
CA PHE A 257 -2.32 -20.87 -21.52
C PHE A 257 -1.32 -21.40 -22.55
N ASP A 258 -1.65 -22.51 -23.20
CA ASP A 258 -0.80 -23.09 -24.23
C ASP A 258 -0.60 -22.10 -25.38
N GLY A 259 -1.64 -21.34 -25.70
CA GLY A 259 -1.53 -20.34 -26.76
C GLY A 259 -0.55 -19.26 -26.35
N GLN A 260 -0.61 -18.86 -25.08
CA GLN A 260 0.26 -17.80 -24.58
C GLN A 260 1.71 -18.28 -24.59
N LEU A 261 1.93 -19.53 -24.16
CA LEU A 261 3.27 -20.10 -24.17
C LEU A 261 3.87 -20.04 -25.56
N ALA A 262 3.08 -20.44 -26.55
CA ALA A 262 3.56 -20.48 -27.92
C ALA A 262 3.86 -19.07 -28.41
N LYS A 263 3.00 -18.12 -28.04
CA LYS A 263 3.23 -16.74 -28.42
C LYS A 263 4.48 -16.19 -27.75
N GLU A 264 4.72 -16.60 -26.51
CA GLU A 264 5.88 -16.13 -25.77
C GLU A 264 7.16 -16.63 -26.42
N THR A 265 7.16 -17.89 -26.79
CA THR A 265 8.29 -18.50 -27.50
C THR A 265 8.54 -17.78 -28.83
N ALA A 266 7.47 -17.39 -29.51
CA ALA A 266 7.57 -16.68 -30.78
C ALA A 266 7.98 -15.22 -30.59
N GLY A 267 7.81 -14.71 -29.37
CA GLY A 267 8.19 -13.35 -29.03
C GLY A 267 9.04 -13.31 -27.78
N GLU B 2 -26.12 2.63 -14.77
CA GLU B 2 -26.27 3.87 -14.02
C GLU B 2 -24.93 4.55 -13.78
N VAL B 3 -24.63 4.82 -12.51
CA VAL B 3 -23.41 5.53 -12.15
C VAL B 3 -22.46 4.59 -11.41
N PRO B 4 -21.29 4.32 -11.99
CA PRO B 4 -20.36 3.43 -11.31
C PRO B 4 -19.64 4.13 -10.17
N LEU B 5 -19.07 3.34 -9.27
CA LEU B 5 -18.20 3.90 -8.25
C LEU B 5 -17.07 4.66 -8.96
N PRO B 6 -16.48 5.64 -8.27
CA PRO B 6 -15.40 6.43 -8.89
C PRO B 6 -14.13 5.61 -9.09
N GLN B 7 -13.34 5.97 -10.10
CA GLN B 7 -12.05 5.32 -10.30
C GLN B 7 -11.15 5.74 -9.15
N LEU B 8 -10.15 4.93 -8.84
CA LEU B 8 -9.15 5.35 -7.88
C LEU B 8 -8.37 6.53 -8.45
N ARG B 9 -7.97 7.46 -7.59
CA ARG B 9 -7.22 8.64 -8.02
C ARG B 9 -5.79 8.55 -7.55
N ALA B 10 -4.85 8.71 -8.49
CA ALA B 10 -3.45 8.62 -8.16
C ALA B 10 -3.02 9.87 -7.42
N TYR B 11 -1.96 9.73 -6.65
CA TYR B 11 -1.41 10.84 -5.91
C TYR B 11 -0.55 11.69 -6.85
N THR B 12 -1.14 12.75 -7.39
CA THR B 12 -0.42 13.61 -8.35
C THR B 12 0.11 14.87 -7.66
N VAL B 13 1.30 15.31 -8.06
CA VAL B 13 1.98 16.41 -7.38
C VAL B 13 2.56 17.43 -8.38
N ASP B 14 2.92 18.62 -7.91
CA ASP B 14 3.56 19.61 -8.77
C ASP B 14 4.76 19.01 -9.48
N ALA B 15 4.96 19.38 -10.74
CA ALA B 15 6.07 18.84 -11.52
C ALA B 15 7.41 19.00 -10.82
N SER B 16 7.61 20.14 -10.15
CA SER B 16 8.90 20.43 -9.53
C SER B 16 9.24 19.37 -8.47
N TRP B 17 8.21 18.79 -7.84
CA TRP B 17 8.42 17.75 -6.85
C TRP B 17 9.09 16.51 -7.46
N LEU B 18 8.92 16.36 -8.78
CA LEU B 18 9.39 15.19 -9.52
C LEU B 18 10.53 15.51 -10.48
N GLN B 19 11.11 16.70 -10.35
CA GLN B 19 12.16 17.14 -11.26
C GLN B 19 13.55 16.73 -10.78
N PRO B 20 14.20 15.79 -11.49
CA PRO B 20 15.51 15.33 -11.03
C PRO B 20 16.55 16.45 -11.00
N MET B 21 17.47 16.38 -10.05
CA MET B 21 18.58 17.33 -9.97
C MET B 21 19.84 16.54 -9.67
N ALA B 22 21.01 17.07 -10.04
CA ALA B 22 22.27 16.43 -9.68
C ALA B 22 22.56 16.65 -8.20
N PRO B 23 23.45 15.85 -7.62
CA PRO B 23 23.74 16.02 -6.20
C PRO B 23 24.21 17.44 -5.90
N LEU B 24 23.73 17.99 -4.79
CA LEU B 24 24.07 19.34 -4.35
C LEU B 24 24.71 19.25 -2.96
N GLN B 25 25.94 19.71 -2.83
CA GLN B 25 26.65 19.51 -1.57
C GLN B 25 26.19 20.53 -0.52
N ILE B 26 25.92 20.04 0.69
CA ILE B 26 25.49 20.89 1.80
C ILE B 26 26.64 21.11 2.77
N ALA B 27 27.39 20.06 3.04
CA ALA B 27 28.56 20.13 3.93
C ALA B 27 29.53 19.05 3.49
N ASP B 28 30.62 18.86 4.23
CA ASP B 28 31.68 17.98 3.74
C ASP B 28 31.17 16.57 3.38
N HIS B 29 30.20 16.04 4.14
CA HIS B 29 29.71 14.67 3.93
C HIS B 29 28.23 14.57 3.60
N THR B 30 27.58 15.72 3.47
CA THR B 30 26.12 15.78 3.32
C THR B 30 25.72 16.38 1.99
N TRP B 31 24.88 15.66 1.25
CA TRP B 31 24.44 16.08 -0.08
C TRP B 31 22.92 15.99 -0.23
N GLN B 32 22.34 16.93 -0.96
CA GLN B 32 20.95 16.79 -1.41
C GLN B 32 20.96 15.99 -2.70
N ILE B 33 20.24 14.86 -2.74
CA ILE B 33 20.26 14.03 -3.94
C ILE B 33 18.85 13.74 -4.45
N GLY B 34 17.86 14.48 -3.93
CA GLY B 34 16.49 14.29 -4.33
C GLY B 34 16.07 15.05 -5.59
N THR B 35 14.89 15.64 -5.56
CA THR B 35 14.40 16.43 -6.68
C THR B 35 14.50 17.91 -6.34
N GLU B 36 14.14 18.77 -7.29
N GLU B 36 14.15 18.77 -7.30
CA GLU B 36 14.22 20.21 -7.03
CA GLU B 36 14.19 20.21 -7.06
C GLU B 36 13.37 20.62 -5.83
C GLU B 36 13.39 20.59 -5.82
N ASP B 37 12.23 19.97 -5.64
CA ASP B 37 11.33 20.35 -4.55
C ASP B 37 11.00 19.27 -3.53
N LEU B 38 11.76 18.18 -3.52
CA LEU B 38 11.68 17.21 -2.43
C LEU B 38 13.09 16.86 -1.96
N THR B 39 13.30 16.94 -0.65
CA THR B 39 14.61 16.68 -0.08
C THR B 39 14.86 15.19 0.09
N ALA B 40 16.08 14.74 -0.25
CA ALA B 40 16.55 13.42 0.12
C ALA B 40 18.03 13.55 0.39
N LEU B 41 18.42 13.41 1.66
CA LEU B 41 19.77 13.75 2.08
C LEU B 41 20.68 12.52 2.17
N LEU B 42 21.82 12.59 1.48
CA LEU B 42 22.80 11.51 1.57
C LEU B 42 23.96 11.94 2.46
N VAL B 43 24.23 11.17 3.51
CA VAL B 43 25.41 11.42 4.33
C VAL B 43 26.40 10.27 4.15
N GLN B 44 27.56 10.60 3.59
CA GLN B 44 28.59 9.62 3.24
C GLN B 44 29.63 9.53 4.34
N THR B 45 29.69 8.38 5.00
CA THR B 45 30.67 8.16 6.06
C THR B 45 31.76 7.20 5.59
N PRO B 46 32.84 7.04 6.38
CA PRO B 46 33.85 6.05 6.01
C PRO B 46 33.28 4.63 6.03
N ASP B 47 32.20 4.44 6.76
CA ASP B 47 31.63 3.11 6.94
C ASP B 47 30.24 2.95 6.35
N GLY B 48 30.01 3.52 5.16
CA GLY B 48 28.72 3.38 4.51
C GLY B 48 27.92 4.67 4.57
N ALA B 49 26.82 4.70 3.81
CA ALA B 49 26.03 5.90 3.64
C ALA B 49 24.71 5.84 4.40
N VAL B 50 24.22 7.02 4.75
CA VAL B 50 22.89 7.18 5.35
C VAL B 50 22.02 7.98 4.40
N LEU B 51 20.76 7.57 4.23
CA LEU B 51 19.78 8.35 3.48
C LEU B 51 18.71 8.87 4.43
N LEU B 52 18.46 10.17 4.42
CA LEU B 52 17.36 10.74 5.19
C LEU B 52 16.26 11.17 4.22
N ASP B 53 15.18 10.39 4.20
CA ASP B 53 14.05 10.56 3.27
C ASP B 53 14.40 10.12 1.85
N GLY B 54 13.37 9.77 1.09
CA GLY B 54 13.53 9.36 -0.30
C GLY B 54 12.60 10.06 -1.26
N GLY B 55 11.65 10.84 -0.74
CA GLY B 55 10.69 11.51 -1.60
C GLY B 55 9.51 10.66 -2.03
N MET B 56 9.11 10.82 -3.29
CA MET B 56 7.95 10.13 -3.86
C MET B 56 8.28 8.70 -4.28
N PRO B 57 7.25 7.85 -4.38
CA PRO B 57 7.49 6.44 -4.71
C PRO B 57 8.33 6.24 -5.96
N GLN B 58 8.15 7.09 -6.97
CA GLN B 58 8.81 6.83 -8.24
C GLN B 58 10.25 7.35 -8.29
N MET B 59 10.79 7.79 -7.16
CA MET B 59 12.13 8.39 -7.15
C MET B 59 13.27 7.39 -6.87
N ALA B 60 12.94 6.13 -6.68
CA ALA B 60 13.95 5.15 -6.28
C ALA B 60 15.15 5.11 -7.24
N SER B 61 14.90 4.96 -8.54
CA SER B 61 16.01 4.78 -9.47
C SER B 61 16.85 6.04 -9.60
N HIS B 62 16.21 7.19 -9.53
CA HIS B 62 16.93 8.46 -9.53
C HIS B 62 17.88 8.56 -8.32
N LEU B 63 17.37 8.25 -7.13
CA LEU B 63 18.21 8.24 -5.94
C LEU B 63 19.41 7.33 -6.08
N LEU B 64 19.19 6.11 -6.55
CA LEU B 64 20.29 5.19 -6.74
C LEU B 64 21.30 5.74 -7.76
N ASP B 65 20.81 6.41 -8.79
CA ASP B 65 21.68 7.02 -9.79
C ASP B 65 22.59 8.08 -9.17
N ASN B 66 21.99 8.96 -8.37
CA ASN B 66 22.75 10.02 -7.71
C ASN B 66 23.70 9.41 -6.70
N MET B 67 23.27 8.36 -6.02
CA MET B 67 24.16 7.68 -5.10
C MET B 67 25.37 7.18 -5.85
N LYS B 68 25.13 6.53 -6.99
CA LYS B 68 26.23 5.99 -7.79
C LYS B 68 27.18 7.12 -8.22
N ALA B 69 26.60 8.25 -8.58
CA ALA B 69 27.41 9.41 -8.97
C ALA B 69 28.31 9.86 -7.83
N ARG B 70 27.87 9.62 -6.59
CA ARG B 70 28.62 10.02 -5.41
C ARG B 70 29.58 8.93 -4.94
N GLY B 71 29.60 7.82 -5.67
CA GLY B 71 30.48 6.72 -5.32
C GLY B 71 29.89 5.80 -4.28
N VAL B 72 28.56 5.82 -4.16
CA VAL B 72 27.88 4.98 -3.19
C VAL B 72 27.14 3.90 -3.95
N THR B 73 27.63 2.67 -3.87
CA THR B 73 26.94 1.55 -4.50
C THR B 73 25.78 1.09 -3.60
N PRO B 74 24.78 0.42 -4.18
CA PRO B 74 23.66 -0.10 -3.39
C PRO B 74 24.09 -0.81 -2.11
N ARG B 75 25.17 -1.56 -2.19
CA ARG B 75 25.66 -2.28 -1.02
C ARG B 75 26.14 -1.29 0.06
N ASP B 76 26.53 -0.09 -0.34
CA ASP B 76 27.13 0.88 0.58
C ASP B 76 26.09 1.61 1.43
N LEU B 77 24.84 1.62 0.98
CA LEU B 77 23.78 2.28 1.72
C LEU B 77 23.40 1.44 2.94
N ARG B 78 23.67 1.98 4.12
CA ARG B 78 23.48 1.22 5.35
C ARG B 78 22.19 1.52 6.09
N LEU B 79 21.73 2.77 6.00
CA LEU B 79 20.66 3.22 6.88
C LEU B 79 19.75 4.24 6.21
N ILE B 80 18.44 4.06 6.40
CA ILE B 80 17.45 5.04 5.96
C ILE B 80 16.75 5.58 7.20
N LEU B 81 16.72 6.91 7.30
CA LEU B 81 15.98 7.62 8.34
C LEU B 81 14.87 8.42 7.68
N LEU B 82 13.84 8.79 8.43
CA LEU B 82 12.69 9.48 7.84
C LEU B 82 12.26 10.70 8.66
N SER B 83 11.80 11.73 7.97
CA SER B 83 11.14 12.85 8.62
C SER B 83 9.72 12.41 9.03
N HIS B 84 8.90 12.04 8.06
CA HIS B 84 7.62 11.39 8.39
C HIS B 84 7.17 10.41 7.31
N ALA B 85 6.33 9.46 7.71
CA ALA B 85 6.00 8.34 6.82
C ALA B 85 4.79 8.60 5.92
N HIS B 86 4.80 9.74 5.21
CA HIS B 86 3.82 10.00 4.16
C HIS B 86 4.40 9.69 2.79
N ALA B 87 3.54 9.56 1.78
CA ALA B 87 3.95 9.10 0.47
C ALA B 87 4.99 10.00 -0.18
N ASP B 88 4.96 11.30 0.13
CA ASP B 88 5.89 12.19 -0.55
C ASP B 88 7.28 12.24 0.10
N HIS B 89 7.52 11.46 1.17
CA HIS B 89 8.86 11.45 1.76
C HIS B 89 9.42 10.04 2.00
N ALA B 90 8.52 9.08 2.21
CA ALA B 90 8.87 7.68 2.45
C ALA B 90 8.47 6.80 1.27
N GLY B 91 7.96 7.42 0.22
CA GLY B 91 7.41 6.70 -0.91
C GLY B 91 8.24 5.55 -1.44
N PRO B 92 9.55 5.77 -1.65
CA PRO B 92 10.36 4.73 -2.28
C PRO B 92 11.11 3.81 -1.31
N VAL B 93 10.78 3.88 -0.02
CA VAL B 93 11.57 3.17 0.98
C VAL B 93 11.53 1.64 0.80
N ALA B 94 10.34 1.09 0.58
CA ALA B 94 10.23 -0.36 0.37
C ALA B 94 11.16 -0.80 -0.76
N GLU B 95 11.08 -0.10 -1.88
CA GLU B 95 11.89 -0.45 -3.05
C GLU B 95 13.40 -0.28 -2.79
N LEU B 96 13.76 0.77 -2.05
CA LEU B 96 15.18 0.98 -1.74
C LEU B 96 15.72 -0.15 -0.86
N LYS B 97 14.89 -0.60 0.09
CA LYS B 97 15.29 -1.71 0.94
C LYS B 97 15.56 -2.96 0.11
N ARG B 98 14.71 -3.21 -0.89
CA ARG B 98 14.86 -4.40 -1.72
C ARG B 98 16.11 -4.33 -2.59
N ARG B 99 16.48 -3.11 -3.00
CA ARG B 99 17.55 -2.92 -3.98
C ARG B 99 18.89 -2.56 -3.35
N THR B 100 18.91 -2.37 -2.04
CA THR B 100 20.14 -1.97 -1.35
C THR B 100 20.37 -2.74 -0.05
N GLY B 101 21.53 -2.52 0.54
CA GLY B 101 21.80 -3.05 1.86
C GLY B 101 21.05 -2.38 3.00
N ALA B 102 20.24 -1.37 2.69
CA ALA B 102 19.77 -0.44 3.69
C ALA B 102 18.72 -1.00 4.66
N LYS B 103 18.90 -0.61 5.91
CA LYS B 103 17.95 -0.89 6.98
C LYS B 103 17.33 0.42 7.45
N VAL B 104 16.12 0.35 8.01
CA VAL B 104 15.34 1.54 8.39
C VAL B 104 15.29 1.65 9.90
N ALA B 105 15.51 2.86 10.40
CA ALA B 105 15.32 3.16 11.82
C ALA B 105 14.29 4.25 11.95
N ALA B 106 13.31 4.06 12.83
CA ALA B 106 12.23 5.03 12.97
C ALA B 106 11.57 4.86 14.34
N ASN B 107 10.78 5.85 14.74
CA ASN B 107 10.07 5.69 16.02
C ASN B 107 8.83 4.81 15.78
N ALA B 108 8.17 4.41 16.86
CA ALA B 108 7.07 3.45 16.76
C ALA B 108 5.93 3.96 15.90
N GLU B 109 5.54 5.22 16.09
CA GLU B 109 4.48 5.81 15.26
C GLU B 109 4.83 5.76 13.77
N SER B 110 6.02 6.22 13.42
CA SER B 110 6.42 6.20 12.02
C SER B 110 6.48 4.77 11.48
N ALA B 111 6.97 3.85 12.31
CA ALA B 111 7.05 2.45 11.91
C ALA B 111 5.67 1.85 11.59
N VAL B 112 4.69 2.16 12.43
N VAL B 112 4.66 2.16 12.41
CA VAL B 112 3.34 1.65 12.22
CA VAL B 112 3.34 1.60 12.17
C VAL B 112 2.74 2.21 10.93
C VAL B 112 2.69 2.22 10.93
N LEU B 113 2.93 3.50 10.69
CA LEU B 113 2.36 4.15 9.51
C LEU B 113 3.08 3.65 8.26
N LEU B 114 4.40 3.51 8.35
CA LEU B 114 5.20 2.96 7.25
C LEU B 114 4.74 1.55 6.91
N ALA B 115 4.47 0.76 7.93
CA ALA B 115 4.14 -0.66 7.77
C ALA B 115 2.78 -0.84 7.11
N ARG B 116 1.95 0.18 7.15
CA ARG B 116 0.69 0.07 6.41
C ARG B 116 0.67 0.99 5.18
N GLY B 117 1.85 1.41 4.75
CA GLY B 117 1.97 2.16 3.50
C GLY B 117 1.15 3.43 3.48
N GLY B 118 1.00 4.03 4.65
CA GLY B 118 0.28 5.28 4.77
C GLY B 118 -1.23 5.17 4.69
N SER B 119 -1.76 3.96 4.68
CA SER B 119 -3.21 3.78 4.70
C SER B 119 -3.73 4.05 6.10
N ASP B 120 -5.04 4.23 6.22
CA ASP B 120 -5.70 4.55 7.50
C ASP B 120 -5.02 5.78 8.13
N ASP B 121 -4.69 6.76 7.29
CA ASP B 121 -4.09 8.00 7.78
C ASP B 121 -5.09 8.72 8.70
N LEU B 122 -4.60 9.35 9.75
CA LEU B 122 -5.48 10.02 10.71
C LEU B 122 -6.38 11.05 10.05
N HIS B 123 -5.88 11.70 8.99
CA HIS B 123 -6.63 12.81 8.41
C HIS B 123 -7.12 12.50 7.00
N PHE B 124 -6.38 11.68 6.26
CA PHE B 124 -6.74 11.45 4.87
C PHE B 124 -7.07 10.01 4.52
N GLY B 125 -7.25 9.18 5.54
CA GLY B 125 -7.67 7.80 5.34
C GLY B 125 -6.79 7.06 4.34
N ASP B 126 -7.40 6.47 3.32
CA ASP B 126 -6.65 5.70 2.32
C ASP B 126 -6.38 6.51 1.06
N GLY B 127 -6.56 7.83 1.17
CA GLY B 127 -6.44 8.72 0.04
C GLY B 127 -5.07 8.84 -0.60
N ILE B 128 -4.02 8.65 0.20
CA ILE B 128 -2.66 8.73 -0.30
C ILE B 128 -1.81 7.62 0.33
N THR B 129 -1.62 6.54 -0.42
CA THR B 129 -0.86 5.40 0.08
C THR B 129 0.39 5.13 -0.77
N TYR B 130 1.24 4.23 -0.29
CA TYR B 130 2.47 3.89 -1.00
C TYR B 130 2.92 2.51 -0.54
N PRO B 131 3.95 1.95 -1.19
CA PRO B 131 4.35 0.59 -0.81
C PRO B 131 4.78 0.50 0.66
N PRO B 132 4.22 -0.47 1.41
CA PRO B 132 4.62 -0.56 2.81
C PRO B 132 6.03 -1.10 3.02
N ALA B 133 6.63 -0.72 4.13
CA ALA B 133 7.97 -1.18 4.48
C ALA B 133 8.07 -1.41 5.98
N ASN B 134 8.99 -2.28 6.37
CA ASN B 134 9.22 -2.62 7.77
C ASN B 134 10.42 -1.86 8.32
N ALA B 135 10.33 -1.47 9.59
CA ALA B 135 11.43 -0.85 10.31
C ALA B 135 12.32 -1.92 10.93
N ASP B 136 13.64 -1.71 10.87
CA ASP B 136 14.58 -2.68 11.41
C ASP B 136 14.98 -2.34 12.84
N ARG B 137 14.81 -1.08 13.21
CA ARG B 137 15.18 -0.61 14.52
C ARG B 137 14.19 0.47 14.95
N ILE B 138 13.72 0.39 16.19
CA ILE B 138 12.80 1.39 16.73
C ILE B 138 13.60 2.34 17.61
N VAL B 139 13.46 3.64 17.38
CA VAL B 139 14.21 4.61 18.20
C VAL B 139 13.27 5.39 19.10
N MET B 140 13.80 5.83 20.24
CA MET B 140 13.08 6.64 21.21
C MET B 140 13.51 8.09 21.11
N ASP B 141 12.74 8.99 21.71
CA ASP B 141 13.04 10.41 21.61
C ASP B 141 14.42 10.71 22.23
N GLY B 142 15.27 11.39 21.47
CA GLY B 142 16.59 11.73 21.97
C GLY B 142 17.66 10.67 21.79
N GLU B 143 17.27 9.52 21.25
CA GLU B 143 18.20 8.41 21.05
C GLU B 143 19.16 8.73 19.90
N VAL B 144 20.38 8.22 19.96
CA VAL B 144 21.32 8.47 18.88
C VAL B 144 21.58 7.19 18.09
N ILE B 145 21.94 7.37 16.82
CA ILE B 145 22.38 6.27 15.96
C ILE B 145 23.69 6.70 15.35
N THR B 146 24.66 5.80 15.31
CA THR B 146 26.00 6.15 14.83
C THR B 146 26.42 5.34 13.59
N VAL B 147 26.88 6.04 12.55
CA VAL B 147 27.37 5.39 11.33
C VAL B 147 28.70 6.02 10.93
N GLY B 148 29.74 5.20 10.80
CA GLY B 148 31.06 5.71 10.44
C GLY B 148 31.53 6.86 11.33
N GLY B 149 31.20 6.77 12.61
CA GLY B 149 31.57 7.80 13.56
C GLY B 149 30.64 9.01 13.60
N ILE B 150 29.78 9.14 12.59
CA ILE B 150 28.84 10.25 12.57
C ILE B 150 27.60 9.94 13.42
N VAL B 151 27.27 10.83 14.34
CA VAL B 151 26.17 10.59 15.27
C VAL B 151 24.91 11.35 14.87
N PHE B 152 23.81 10.61 14.72
CA PHE B 152 22.51 11.21 14.40
C PHE B 152 21.60 11.15 15.62
N THR B 153 20.96 12.27 15.96
CA THR B 153 20.07 12.31 17.12
C THR B 153 18.62 12.55 16.70
N ALA B 154 17.71 11.74 17.23
CA ALA B 154 16.29 11.91 16.93
C ALA B 154 15.62 12.91 17.90
N HIS B 155 14.85 13.85 17.36
CA HIS B 155 14.05 14.76 18.17
C HIS B 155 12.58 14.65 17.76
N PHE B 156 11.75 14.01 18.59
CA PHE B 156 10.34 13.85 18.20
C PHE B 156 9.66 15.21 18.14
N MET B 157 8.86 15.42 17.09
CA MET B 157 8.10 16.66 16.91
C MET B 157 6.74 16.33 16.32
N ALA B 158 5.97 15.56 17.09
CA ALA B 158 4.66 15.08 16.70
C ALA B 158 3.76 16.22 16.26
N GLY B 159 2.96 15.97 15.23
CA GLY B 159 1.96 16.93 14.80
C GLY B 159 1.52 16.66 13.39
N HIS B 160 2.36 17.04 12.44
CA HIS B 160 2.05 16.75 11.05
C HIS B 160 1.70 15.26 10.90
N THR B 161 2.49 14.39 11.53
CA THR B 161 2.11 13.00 11.81
C THR B 161 2.46 12.74 13.25
N PRO B 162 1.83 11.74 13.88
CA PRO B 162 2.21 11.42 15.26
C PRO B 162 3.71 11.12 15.40
N GLY B 163 4.31 10.54 14.37
CA GLY B 163 5.70 10.13 14.46
C GLY B 163 6.71 11.08 13.84
N SER B 164 6.25 12.28 13.47
CA SER B 164 7.15 13.29 12.90
C SER B 164 8.44 13.48 13.70
N THR B 165 9.58 13.49 13.00
CA THR B 165 10.88 13.54 13.65
C THR B 165 11.81 14.58 13.01
N ALA B 166 12.58 15.28 13.83
CA ALA B 166 13.73 16.05 13.37
C ALA B 166 15.00 15.26 13.63
N TRP B 167 15.92 15.27 12.66
CA TRP B 167 17.20 14.60 12.84
C TRP B 167 18.32 15.62 12.86
N THR B 168 19.23 15.51 13.82
CA THR B 168 20.39 16.42 13.86
C THR B 168 21.72 15.67 13.84
N TRP B 169 22.72 16.29 13.25
CA TRP B 169 24.06 15.71 13.25
C TRP B 169 25.05 16.84 12.99
N THR B 170 26.32 16.61 13.29
CA THR B 170 27.32 17.64 13.11
C THR B 170 28.32 17.23 12.03
N ASP B 171 28.32 17.96 10.91
CA ASP B 171 29.26 17.72 9.82
C ASP B 171 30.36 18.79 9.92
N THR B 172 31.13 18.98 8.85
CA THR B 172 32.11 20.06 8.80
C THR B 172 32.05 20.77 7.46
N ARG B 173 32.59 21.98 7.43
CA ARG B 173 32.62 22.77 6.19
C ARG B 173 33.59 23.90 6.41
N ASN B 174 34.56 24.03 5.52
CA ASN B 174 35.60 25.06 5.69
C ASN B 174 36.30 24.90 7.04
N GLY B 175 36.56 23.66 7.42
CA GLY B 175 37.30 23.37 8.64
C GLY B 175 36.51 23.46 9.94
N LYS B 176 35.30 24.01 9.85
CA LYS B 176 34.50 24.25 11.05
C LYS B 176 33.34 23.27 11.20
N PRO B 177 32.94 22.97 12.45
CA PRO B 177 31.76 22.16 12.67
C PRO B 177 30.51 22.83 12.14
N VAL B 178 29.58 22.06 11.59
CA VAL B 178 28.32 22.58 11.10
C VAL B 178 27.21 21.71 11.68
N ARG B 179 26.47 22.26 12.63
CA ARG B 179 25.38 21.52 13.25
C ARG B 179 24.16 21.60 12.35
N ILE B 180 23.86 20.47 11.68
CA ILE B 180 22.78 20.41 10.70
C ILE B 180 21.50 19.93 11.38
N ALA B 181 20.40 20.60 11.11
CA ALA B 181 19.10 20.18 11.64
C ALA B 181 18.14 19.94 10.48
N TYR B 182 17.72 18.68 10.33
CA TYR B 182 16.73 18.33 9.31
C TYR B 182 15.38 18.24 10.03
N ALA B 183 14.60 19.31 9.96
CA ALA B 183 13.36 19.38 10.72
C ALA B 183 12.17 19.02 9.84
N ASP B 184 11.26 18.21 10.39
CA ASP B 184 10.08 17.78 9.66
C ASP B 184 9.10 18.93 9.41
N SER B 185 8.12 18.68 8.55
N SER B 185 8.11 18.67 8.58
CA SER B 185 7.03 19.63 8.28
CA SER B 185 7.03 19.61 8.32
C SER B 185 6.25 19.98 9.55
C SER B 185 6.27 19.99 9.57
N LEU B 186 5.83 21.24 9.65
CA LEU B 186 4.96 21.70 10.73
C LEU B 186 3.60 22.17 10.17
N SER B 187 3.31 21.76 8.94
CA SER B 187 2.03 22.05 8.28
C SER B 187 0.91 21.14 8.79
N ALA B 188 -0.33 21.58 8.54
CA ALA B 188 -1.51 20.75 8.81
C ALA B 188 -2.50 20.90 7.66
N PRO B 189 -2.14 20.41 6.47
CA PRO B 189 -2.90 20.66 5.24
C PRO B 189 -4.26 19.97 5.22
N GLY B 190 -5.32 20.77 5.38
CA GLY B 190 -6.67 20.23 5.35
C GLY B 190 -7.06 19.50 6.62
N TYR B 191 -6.21 19.58 7.64
CA TYR B 191 -6.49 18.93 8.92
C TYR B 191 -7.59 19.61 9.72
N GLN B 192 -8.42 18.81 10.38
CA GLN B 192 -9.23 19.31 11.50
C GLN B 192 -8.34 19.37 12.73
N LEU B 193 -8.14 20.57 13.26
CA LEU B 193 -7.24 20.77 14.40
C LEU B 193 -7.90 20.57 15.75
N GLN B 194 -9.11 21.10 15.91
CA GLN B 194 -9.78 21.10 17.21
C GLN B 194 -10.78 19.96 17.31
N GLY B 195 -10.77 19.26 18.44
CA GLY B 195 -11.74 18.20 18.67
C GLY B 195 -11.68 17.07 17.65
N ASN B 196 -10.49 16.81 17.13
CA ASN B 196 -10.30 15.72 16.19
C ASN B 196 -10.32 14.38 16.94
N PRO B 197 -11.34 13.54 16.69
CA PRO B 197 -11.45 12.30 17.48
C PRO B 197 -10.28 11.35 17.25
N ARG B 198 -9.66 11.42 16.07
CA ARG B 198 -8.51 10.58 15.75
C ARG B 198 -7.21 11.12 16.35
N TYR B 199 -7.23 12.39 16.76
CA TYR B 199 -6.03 13.04 17.31
C TYR B 199 -6.45 14.08 18.35
N PRO B 200 -6.96 13.61 19.51
CA PRO B 200 -7.52 14.57 20.47
C PRO B 200 -6.51 15.60 20.98
N HIS B 201 -5.24 15.26 21.14
CA HIS B 201 -4.27 16.20 21.68
C HIS B 201 -3.43 16.87 20.57
N LEU B 202 -4.00 16.95 19.37
CA LEU B 202 -3.25 17.48 18.23
C LEU B 202 -2.65 18.86 18.52
N ILE B 203 -3.45 19.77 19.06
CA ILE B 203 -2.98 21.14 19.23
C ILE B 203 -1.81 21.20 20.21
N GLU B 204 -1.94 20.50 21.33
CA GLU B 204 -0.88 20.50 22.34
C GLU B 204 0.44 19.91 21.79
N ASP B 205 0.34 18.87 20.96
CA ASP B 205 1.55 18.30 20.32
C ASP B 205 2.23 19.29 19.35
N TYR B 206 1.46 19.95 18.52
CA TYR B 206 2.06 20.93 17.61
C TYR B 206 2.78 22.01 18.42
N ARG B 207 2.13 22.51 19.47
CA ARG B 207 2.75 23.60 20.23
C ARG B 207 4.04 23.13 20.87
N ARG B 208 4.06 21.91 21.41
CA ARG B 208 5.28 21.37 21.95
C ARG B 208 6.35 21.25 20.86
N SER B 209 5.90 20.93 19.65
CA SER B 209 6.83 20.71 18.54
C SER B 209 7.44 22.02 18.04
N PHE B 210 6.68 23.11 18.09
CA PHE B 210 7.25 24.41 17.77
C PHE B 210 8.41 24.68 18.72
N ALA B 211 8.24 24.37 20.00
CA ALA B 211 9.27 24.64 21.00
C ALA B 211 10.50 23.78 20.76
N THR B 212 10.26 22.54 20.36
CA THR B 212 11.34 21.60 20.09
C THR B 212 12.18 22.07 18.92
N VAL B 213 11.51 22.48 17.85
CA VAL B 213 12.23 22.91 16.65
C VAL B 213 13.03 24.18 16.96
N ARG B 214 12.42 25.08 17.70
CA ARG B 214 13.06 26.35 18.08
C ARG B 214 14.39 26.13 18.81
N ALA B 215 14.47 25.05 19.58
CA ALA B 215 15.64 24.81 20.43
C ALA B 215 16.67 23.86 19.83
N LEU B 216 16.46 23.38 18.59
CA LEU B 216 17.41 22.44 18.00
C LEU B 216 18.82 23.04 17.85
N PRO B 217 19.84 22.20 17.97
CA PRO B 217 21.17 22.66 17.56
C PRO B 217 21.12 22.84 16.05
N CYS B 218 21.43 24.02 15.55
CA CYS B 218 20.94 24.41 14.23
C CYS B 218 21.77 25.49 13.53
N ASP B 219 23.00 25.16 13.13
CA ASP B 219 23.77 26.05 12.27
C ASP B 219 23.12 26.15 10.89
N VAL B 220 22.58 25.03 10.42
CA VAL B 220 21.92 25.03 9.14
C VAL B 220 20.66 24.21 9.25
N LEU B 221 19.56 24.79 8.78
CA LEU B 221 18.27 24.11 8.77
C LEU B 221 17.97 23.59 7.38
N LEU B 222 17.54 22.33 7.29
CA LEU B 222 16.95 21.79 6.07
C LEU B 222 15.56 21.22 6.38
N THR B 223 14.69 21.17 5.37
CA THR B 223 13.35 20.64 5.57
C THR B 223 12.94 19.77 4.38
N PRO B 224 11.99 18.84 4.62
CA PRO B 224 11.58 17.90 3.56
C PRO B 224 11.08 18.62 2.31
N HIS B 225 10.34 19.70 2.49
CA HIS B 225 10.02 20.61 1.38
C HIS B 225 10.94 21.82 1.52
N PRO B 226 11.92 21.96 0.61
CA PRO B 226 12.96 22.99 0.80
C PRO B 226 12.39 24.40 0.93
N GLY B 227 11.28 24.67 0.23
CA GLY B 227 10.68 25.99 0.28
C GLY B 227 10.26 26.40 1.67
N ALA B 228 10.01 25.42 2.52
CA ALA B 228 9.57 25.64 3.89
C ALA B 228 10.65 26.31 4.73
N SER B 229 11.91 26.06 4.41
CA SER B 229 13.02 26.69 5.13
C SER B 229 13.73 27.69 4.20
N ASN B 230 13.04 28.07 3.13
CA ASN B 230 13.59 29.04 2.19
C ASN B 230 14.84 28.56 1.47
N TRP B 231 14.96 27.24 1.29
CA TRP B 231 15.99 26.70 0.42
C TRP B 231 15.50 26.77 -1.01
N ASP B 232 16.43 26.92 -1.95
CA ASP B 232 16.11 26.85 -3.39
C ASP B 232 17.15 25.97 -4.07
N TYR B 233 16.83 24.68 -4.17
CA TYR B 233 17.81 23.69 -4.63
C TYR B 233 18.26 23.94 -6.07
N ALA B 234 17.48 24.72 -6.82
CA ALA B 234 17.85 25.06 -8.19
C ALA B 234 18.81 26.26 -8.29
N ALA B 235 19.07 26.94 -7.18
CA ALA B 235 19.86 28.17 -7.21
C ALA B 235 21.36 27.95 -7.02
N GLY B 236 21.81 26.73 -7.31
CA GLY B 236 23.23 26.42 -7.32
C GLY B 236 24.01 26.93 -6.13
N ALA B 237 24.93 27.86 -6.38
CA ALA B 237 25.87 28.32 -5.37
C ALA B 237 25.18 29.06 -4.23
N ARG B 238 23.99 29.56 -4.49
CA ARG B 238 23.25 30.28 -3.45
C ARG B 238 22.00 29.53 -3.00
N ALA B 239 21.98 28.21 -3.23
CA ALA B 239 20.80 27.41 -2.88
C ALA B 239 20.34 27.63 -1.45
N GLY B 240 21.29 27.73 -0.53
CA GLY B 240 20.97 27.82 0.89
C GLY B 240 21.13 29.21 1.47
N ALA B 241 21.31 30.21 0.61
CA ALA B 241 21.60 31.55 1.09
C ALA B 241 20.51 32.07 2.03
N LYS B 242 19.26 31.93 1.58
CA LYS B 242 18.12 32.54 2.24
C LYS B 242 17.51 31.66 3.33
N ALA B 243 18.14 30.52 3.57
CA ALA B 243 17.63 29.56 4.55
C ALA B 243 17.31 30.21 5.90
N LEU B 244 16.16 29.81 6.45
CA LEU B 244 15.74 30.25 7.77
C LEU B 244 16.55 29.60 8.88
N THR B 245 16.59 30.23 10.05
CA THR B 245 17.05 29.56 11.26
C THR B 245 15.95 28.60 11.72
N CYS B 246 16.27 27.65 12.60
CA CYS B 246 15.23 26.83 13.20
C CYS B 246 14.24 27.71 14.00
N LYS B 247 14.76 28.72 14.69
CA LYS B 247 13.89 29.64 15.43
C LYS B 247 12.88 30.34 14.53
N ALA B 248 13.31 30.79 13.35
CA ALA B 248 12.43 31.52 12.44
C ALA B 248 11.42 30.57 11.80
N TYR B 249 11.89 29.37 11.50
CA TYR B 249 11.02 28.34 10.93
C TYR B 249 9.90 28.02 11.91
N ALA B 250 10.24 27.78 13.17
CA ALA B 250 9.26 27.46 14.21
C ALA B 250 8.25 28.60 14.37
N ASP B 251 8.75 29.82 14.41
CA ASP B 251 7.89 30.99 14.60
C ASP B 251 6.90 31.16 13.44
N ALA B 252 7.39 31.06 12.21
CA ALA B 252 6.53 31.18 11.04
C ALA B 252 5.50 30.05 11.04
N ALA B 253 5.92 28.86 11.47
CA ALA B 253 4.99 27.73 11.46
C ALA B 253 3.91 27.90 12.53
N GLU B 254 4.28 28.47 13.67
CA GLU B 254 3.31 28.73 14.73
C GLU B 254 2.33 29.81 14.31
N GLN B 255 2.83 30.86 13.68
CA GLN B 255 1.96 31.94 13.23
C GLN B 255 0.94 31.42 12.24
N LYS B 256 1.40 30.57 11.33
CA LYS B 256 0.52 29.98 10.33
C LYS B 256 -0.52 29.08 11.00
N PHE B 257 -0.06 28.26 11.94
CA PHE B 257 -0.94 27.36 12.69
C PHE B 257 -2.03 28.15 13.42
N ASP B 258 -1.62 29.16 14.17
CA ASP B 258 -2.56 30.03 14.88
C ASP B 258 -3.59 30.64 13.94
N GLY B 259 -3.16 31.05 12.75
CA GLY B 259 -4.08 31.55 11.76
C GLY B 259 -5.09 30.50 11.31
N GLN B 260 -4.62 29.29 11.08
CA GLN B 260 -5.48 28.20 10.66
C GLN B 260 -6.49 27.83 11.75
N LEU B 261 -6.05 27.88 12.99
CA LEU B 261 -6.90 27.58 14.15
C LEU B 261 -8.04 28.59 14.27
N ALA B 262 -7.73 29.86 14.06
CA ALA B 262 -8.75 30.91 14.12
C ALA B 262 -9.73 30.81 12.95
N LYS B 263 -9.23 30.43 11.78
CA LYS B 263 -10.08 30.29 10.62
C LYS B 263 -10.99 29.07 10.80
N GLU B 264 -10.48 28.05 11.48
CA GLU B 264 -11.29 26.86 11.75
C GLU B 264 -12.43 27.20 12.69
N THR B 265 -12.10 27.89 13.79
CA THR B 265 -13.11 28.39 14.71
C THR B 265 -14.19 29.22 14.01
N ALA B 266 -13.79 29.98 13.00
CA ALA B 266 -14.75 30.82 12.29
C ALA B 266 -15.52 30.02 11.23
N GLY B 267 -14.94 28.91 10.77
CA GLY B 267 -15.57 28.10 9.75
C GLY B 267 -15.73 26.65 10.18
#